data_7CPO
#
_entry.id   7CPO
#
_cell.length_a   40.919
_cell.length_b   93.690
_cell.length_c   246.353
_cell.angle_alpha   90.000
_cell.angle_beta   90.000
_cell.angle_gamma   90.000
#
_symmetry.space_group_name_H-M   'I 2 2 2'
#
loop_
_entity.id
_entity.type
_entity.pdbx_description
1 polymer 'MHC CLASS I ANTIGEN'
2 polymer beta2-microglobulin
3 polymer HIS-VAL-TYR-GLY-PRO-LEU-LYS-PRO-ILE
4 water water
#
loop_
_entity_poly.entity_id
_entity_poly.type
_entity_poly.pdbx_seq_one_letter_code
_entity_poly.pdbx_strand_id
1 'polypeptide(L)'
;GSSSHSMRYFVTSVSEPGQQVPQFSYVGYVDDQEFVSYNASTRRYLPKVPWISKVEKNDPDYWERNTLYAQGHERSFRDH
LATLAEYYNQSGGLHTFQWMYGCELRNDWSKGGYYQYAYDGRDYISLDKDTLTWMAADVPAQNTKRKWDADFRDNEYKKT
YLEETCIEWLQRYLNYGKETLLRTEVPEVKVTRKEDYDGMETLICRVGGFYPKDIDIDWTRDGEVWLQDVFHGLVSPNSD
GTYYTWRSVKVDPKERERYKCHVEHDGLPNPVDVAW
;
A
2 'polypeptide(L)'
;TQKAPSVQVYFRHPAEKGKENTFHCYAESFHPPKINITLLKNGIPMENVQQSDLSFKKDWTFERLVYAKVIPDGKAEFAC
KVEHITLPQPMIYKLDQEY
;
B
3 'polypeptide(L)' HVYGPLKPI C
#
# COMPACT_ATOMS: atom_id res chain seq x y z
N SER A 3 -0.25 10.86 16.02
CA SER A 3 -1.39 11.04 15.12
C SER A 3 -1.12 12.11 14.06
N SER A 4 -0.15 11.85 13.19
CA SER A 4 0.29 12.82 12.20
C SER A 4 -0.39 12.56 10.86
N HIS A 5 -0.09 13.41 9.87
CA HIS A 5 -0.56 13.23 8.50
C HIS A 5 0.61 13.36 7.53
N SER A 6 0.44 12.77 6.36
CA SER A 6 1.54 12.71 5.40
C SER A 6 1.01 12.80 3.98
N MET A 7 1.84 13.33 3.11
CA MET A 7 1.67 13.24 1.67
C MET A 7 2.85 12.46 1.10
N ARG A 8 2.55 11.47 0.27
CA ARG A 8 3.54 10.46 -0.10
C ARG A 8 3.39 10.15 -1.59
N TYR A 9 4.50 10.23 -2.34
CA TYR A 9 4.54 9.80 -3.75
C TYR A 9 5.39 8.53 -3.92
N PHE A 10 4.93 7.64 -4.79
CA PHE A 10 5.60 6.37 -5.03
C PHE A 10 5.73 6.15 -6.53
N VAL A 11 6.97 6.09 -7.01
CA VAL A 11 7.26 6.03 -8.43
C VAL A 11 8.07 4.77 -8.71
N THR A 12 7.67 4.02 -9.74
CA THR A 12 8.25 2.71 -10.05
C THR A 12 8.53 2.61 -11.53
N SER A 13 9.75 2.22 -11.88
CA SER A 13 10.17 2.10 -13.25
C SER A 13 10.84 0.75 -13.44
N VAL A 14 10.36 -0.02 -14.41
CA VAL A 14 10.87 -1.35 -14.73
C VAL A 14 11.38 -1.33 -16.17
N SER A 15 12.50 -2.02 -16.42
CA SER A 15 13.12 -1.98 -17.73
C SER A 15 12.73 -3.15 -18.63
N GLU A 16 12.91 -4.47 -18.17
CA GLU A 16 12.27 -5.29 -19.19
C GLU A 16 10.81 -5.62 -18.81
N PRO A 17 9.91 -5.72 -19.79
CA PRO A 17 8.48 -5.45 -19.52
C PRO A 17 7.81 -6.42 -18.56
N GLY A 18 6.56 -6.09 -18.20
CA GLY A 18 5.76 -6.85 -17.26
C GLY A 18 4.29 -6.47 -17.16
N GLN A 19 3.68 -6.69 -15.99
CA GLN A 19 2.29 -6.32 -15.74
C GLN A 19 2.15 -5.56 -14.42
N PRO A 22 3.72 -2.82 -16.93
CA PRO A 22 4.61 -2.75 -18.08
C PRO A 22 5.75 -1.76 -17.87
N PHE A 24 6.01 1.87 -15.99
CA PHE A 24 5.95 3.07 -15.14
C PHE A 24 4.69 3.20 -14.30
N SER A 25 4.88 3.55 -13.03
CA SER A 25 3.80 3.77 -12.07
C SER A 25 4.14 4.95 -11.15
N TYR A 26 3.14 5.78 -10.84
CA TYR A 26 3.36 7.04 -10.09
C TYR A 26 2.09 7.32 -9.31
N VAL A 27 2.11 7.13 -7.99
CA VAL A 27 0.90 7.21 -7.17
C VAL A 27 1.12 8.19 -6.02
N GLY A 28 0.09 8.98 -5.73
CA GLY A 28 0.13 9.97 -4.67
C GLY A 28 -0.88 9.60 -3.59
N TYR A 29 -0.45 9.73 -2.33
CA TYR A 29 -1.29 9.45 -1.17
C TYR A 29 -1.32 10.62 -0.20
N VAL A 30 -2.46 10.80 0.43
CA VAL A 30 -2.59 11.50 1.70
C VAL A 30 -3.09 10.47 2.69
N ASP A 31 -2.26 10.13 3.69
CA ASP A 31 -2.61 9.19 4.76
C ASP A 31 -3.18 7.89 4.20
N ASP A 32 -2.41 7.25 3.34
CA ASP A 32 -2.82 5.99 2.69
C ASP A 32 -4.20 6.05 2.01
N GLN A 33 -4.74 7.25 1.71
CA GLN A 33 -5.78 7.39 0.70
C GLN A 33 -5.13 7.86 -0.60
N GLU A 34 -5.27 7.08 -1.66
CA GLU A 34 -4.70 7.49 -2.93
C GLU A 34 -5.54 8.62 -3.51
N PHE A 35 -4.90 9.71 -3.96
CA PHE A 35 -5.67 10.81 -4.50
C PHE A 35 -5.29 11.19 -5.92
N VAL A 36 -4.09 10.83 -6.40
CA VAL A 36 -3.70 11.09 -7.77
C VAL A 36 -2.89 9.89 -8.25
N SER A 37 -2.89 9.69 -9.57
CA SER A 37 -1.91 8.75 -10.08
C SER A 37 -1.56 9.17 -11.49
N TYR A 38 -0.37 8.82 -11.91
CA TYR A 38 0.05 9.09 -13.27
C TYR A 38 -0.05 7.75 -13.98
N ASN A 39 -1.06 7.64 -14.81
CA ASN A 39 -1.35 6.41 -15.51
C ASN A 39 -0.37 6.41 -16.70
N ALA A 40 0.68 5.58 -16.61
CA ALA A 40 1.72 5.56 -17.63
C ALA A 40 1.12 5.21 -18.98
N SER A 41 0.00 4.51 -18.96
CA SER A 41 -0.82 4.54 -20.14
C SER A 41 -1.25 5.97 -20.41
N THR A 42 -1.98 6.63 -19.47
CA THR A 42 -2.63 7.92 -19.88
C THR A 42 -1.66 8.99 -20.30
N ARG A 43 -0.43 8.96 -19.77
CA ARG A 43 0.48 10.10 -19.87
C ARG A 43 -0.13 11.36 -19.24
N ARG A 44 -1.16 11.15 -18.42
CA ARG A 44 -1.86 12.20 -17.68
C ARG A 44 -1.75 11.89 -16.21
N TYR A 45 -1.39 12.89 -15.42
CA TYR A 45 -1.60 12.83 -13.98
C TYR A 45 -3.09 13.01 -13.72
N LEU A 46 -3.73 12.02 -13.09
CA LEU A 46 -5.18 12.00 -13.03
C LEU A 46 -5.70 12.05 -11.59
N PRO A 47 -6.89 12.63 -11.39
CA PRO A 47 -7.51 12.58 -10.07
C PRO A 47 -8.06 11.21 -9.79
N LYS A 48 -7.96 10.79 -8.53
CA LYS A 48 -8.45 9.50 -8.09
C LYS A 48 -9.56 9.60 -7.06
N VAL A 49 -9.90 10.82 -6.63
CA VAL A 49 -10.94 11.06 -5.63
C VAL A 49 -11.63 12.37 -5.97
N PRO A 50 -12.86 12.55 -5.51
CA PRO A 50 -13.60 13.74 -5.94
C PRO A 50 -13.03 15.05 -5.41
N TRP A 51 -12.40 15.03 -4.25
CA TRP A 51 -12.11 16.28 -3.58
C TRP A 51 -10.90 17.00 -4.15
N ILE A 52 -10.03 16.30 -4.90
CA ILE A 52 -8.83 16.96 -5.41
C ILE A 52 -9.15 17.98 -6.51
N SER A 53 -10.35 17.91 -7.11
CA SER A 53 -10.67 18.93 -8.11
C SER A 53 -10.83 20.31 -7.48
N LYS A 54 -10.99 20.40 -6.17
CA LYS A 54 -11.04 21.70 -5.53
C LYS A 54 -9.76 22.51 -5.75
N VAL A 55 -8.66 21.86 -6.15
CA VAL A 55 -7.43 22.58 -6.43
C VAL A 55 -7.55 23.48 -7.65
N GLU A 56 -8.64 23.37 -8.42
CA GLU A 56 -8.68 23.99 -9.74
C GLU A 56 -9.08 25.46 -9.68
N LYS A 57 -9.86 25.85 -8.66
CA LYS A 57 -10.26 27.25 -8.56
C LYS A 57 -9.04 28.17 -8.54
N ASN A 58 -8.09 27.91 -7.64
CA ASN A 58 -6.90 28.74 -7.53
C ASN A 58 -5.79 28.33 -8.49
N ASP A 59 -5.68 27.05 -8.82
CA ASP A 59 -4.59 26.54 -9.66
C ASP A 59 -5.17 25.76 -10.84
N PRO A 60 -5.77 26.47 -11.80
CA PRO A 60 -6.33 25.77 -12.96
C PRO A 60 -5.31 25.03 -13.80
N ASP A 61 -4.01 25.23 -13.56
CA ASP A 61 -2.97 24.55 -14.31
C ASP A 61 -2.41 23.33 -13.59
N TYR A 62 -2.98 22.99 -12.43
CA TYR A 62 -2.50 21.88 -11.61
C TYR A 62 -2.28 20.59 -12.41
N TRP A 63 -3.25 20.22 -13.25
CA TRP A 63 -3.18 18.94 -13.94
C TRP A 63 -2.14 18.96 -15.05
N GLU A 64 -2.01 20.08 -15.78
CA GLU A 64 -0.97 20.16 -16.80
C GLU A 64 0.42 20.15 -16.18
N ARG A 65 0.63 20.99 -15.14
CA ARG A 65 1.95 21.07 -14.53
C ARG A 65 2.39 19.71 -13.99
N ASN A 66 1.53 19.04 -13.21
CA ASN A 66 1.87 17.72 -12.68
C ASN A 66 2.09 16.71 -13.79
N THR A 67 1.27 16.77 -14.84
CA THR A 67 1.46 15.88 -16.00
C THR A 67 2.82 16.09 -16.66
N LEU A 68 3.19 17.35 -16.94
CA LEU A 68 4.49 17.63 -17.58
C LEU A 68 5.64 17.16 -16.70
N TYR A 69 5.59 17.47 -15.40
CA TYR A 69 6.61 17.01 -14.47
C TYR A 69 6.67 15.49 -14.41
N ALA A 70 5.51 14.83 -14.26
CA ALA A 70 5.50 13.37 -14.15
C ALA A 70 6.06 12.73 -15.42
N GLN A 71 5.67 13.26 -16.58
CA GLN A 71 6.28 12.85 -17.84
C GLN A 71 7.78 13.04 -17.81
N GLY A 72 8.24 14.21 -17.34
CA GLY A 72 9.67 14.43 -17.21
C GLY A 72 10.33 13.37 -16.34
N HIS A 73 9.70 13.02 -15.22
CA HIS A 73 10.27 12.02 -14.33
C HIS A 73 10.35 10.65 -15.00
N GLU A 74 9.29 10.28 -15.75
CA GLU A 74 9.32 9.02 -16.49
C GLU A 74 10.51 8.95 -17.44
N ARG A 75 10.74 9.99 -18.23
CA ARG A 75 11.88 9.98 -19.14
C ARG A 75 13.20 9.92 -18.37
N SER A 76 13.30 10.66 -17.26
CA SER A 76 14.51 10.63 -16.44
C SER A 76 14.77 9.22 -15.91
N PHE A 77 13.71 8.50 -15.52
CA PHE A 77 13.89 7.18 -14.95
C PHE A 77 14.39 6.20 -15.99
N ARG A 78 13.93 6.32 -17.24
CA ARG A 78 14.49 5.49 -18.31
C ARG A 78 15.99 5.72 -18.43
N ASP A 79 16.41 6.99 -18.41
CA ASP A 79 17.83 7.31 -18.37
C ASP A 79 18.50 6.71 -17.14
N HIS A 80 17.85 6.80 -15.97
CA HIS A 80 18.50 6.30 -14.76
C HIS A 80 18.76 4.81 -14.87
N LEU A 81 17.73 4.05 -15.28
CA LEU A 81 17.88 2.61 -15.44
C LEU A 81 19.04 2.27 -16.38
N ALA A 82 19.24 3.07 -17.45
CA ALA A 82 20.34 2.80 -18.36
C ALA A 82 21.69 3.07 -17.71
N THR A 83 21.78 4.15 -16.93
CA THR A 83 23.05 4.51 -16.33
C THR A 83 23.45 3.54 -15.22
N LEU A 84 22.47 3.06 -14.45
CA LEU A 84 22.77 2.14 -13.36
C LEU A 84 23.23 0.79 -13.87
N ALA A 85 22.75 0.36 -15.03
CA ALA A 85 23.31 -0.82 -15.66
C ALA A 85 24.81 -0.65 -15.84
N GLU A 86 25.25 0.52 -16.30
CA GLU A 86 26.66 0.78 -16.45
C GLU A 86 27.37 0.79 -15.10
N TYR A 87 26.81 1.55 -14.13
CA TYR A 87 27.43 1.66 -12.80
C TYR A 87 27.66 0.30 -12.16
N TYR A 88 26.70 -0.61 -12.29
CA TYR A 88 26.80 -1.96 -11.76
C TYR A 88 27.31 -2.95 -12.80
N ASN A 89 27.69 -2.45 -13.99
CA ASN A 89 28.24 -3.27 -15.08
C ASN A 89 27.42 -4.55 -15.31
N GLN A 90 26.14 -4.37 -15.63
CA GLN A 90 25.22 -5.47 -15.84
C GLN A 90 24.81 -5.49 -17.31
N SER A 91 25.18 -6.57 -18.02
CA SER A 91 24.89 -6.67 -19.45
C SER A 91 23.41 -6.45 -19.72
N GLY A 92 22.55 -6.95 -18.84
CA GLY A 92 21.21 -6.44 -18.86
C GLY A 92 20.14 -7.49 -18.66
N GLY A 93 19.53 -7.49 -17.50
CA GLY A 93 18.31 -8.26 -17.32
C GLY A 93 17.11 -7.35 -17.09
N LEU A 94 16.15 -7.82 -16.30
CA LEU A 94 15.05 -6.98 -15.86
C LEU A 94 15.46 -6.30 -14.56
N HIS A 95 15.28 -4.98 -14.50
CA HIS A 95 15.74 -4.19 -13.38
C HIS A 95 14.65 -3.19 -12.98
N THR A 96 14.75 -2.69 -11.75
CA THR A 96 13.74 -1.82 -11.18
C THR A 96 14.38 -0.56 -10.60
N PHE A 97 13.74 0.58 -10.81
CA PHE A 97 14.10 1.82 -10.15
C PHE A 97 12.87 2.39 -9.44
N GLN A 98 13.02 2.74 -8.16
CA GLN A 98 11.92 3.22 -7.34
C GLN A 98 12.33 4.51 -6.65
N TRP A 99 11.36 5.39 -6.46
CA TRP A 99 11.56 6.70 -5.86
C TRP A 99 10.39 6.93 -4.91
N MET A 100 10.68 7.20 -3.64
CA MET A 100 9.63 7.61 -2.72
C MET A 100 10.02 8.92 -2.05
N TYR A 101 9.06 9.82 -1.93
CA TYR A 101 9.31 11.07 -1.27
C TYR A 101 8.01 11.60 -0.71
N GLY A 102 8.14 12.43 0.31
CA GLY A 102 6.98 13.09 0.88
C GLY A 102 7.35 13.72 2.20
N CYS A 103 6.31 14.21 2.88
CA CYS A 103 6.47 14.92 4.13
C CYS A 103 5.48 14.40 5.16
N GLU A 104 5.81 14.68 6.41
CA GLU A 104 4.96 14.35 7.53
C GLU A 104 4.72 15.61 8.36
N LEU A 105 3.47 15.85 8.71
CA LEU A 105 3.09 16.94 9.61
C LEU A 105 2.52 16.34 10.88
N ARG A 106 3.24 16.46 11.99
CA ARG A 106 2.74 15.86 13.22
C ARG A 106 1.76 16.78 13.92
N ASN A 107 1.03 16.22 14.90
CA ASN A 107 0.02 16.98 15.62
C ASN A 107 0.59 18.10 16.45
N ASP A 108 1.87 18.03 16.79
CA ASP A 108 2.53 19.11 17.50
C ASP A 108 3.09 20.17 16.55
N TRP A 109 2.79 20.08 15.26
CA TRP A 109 3.23 21.01 14.21
C TRP A 109 4.73 20.96 13.95
N SER A 110 5.40 19.89 14.41
CA SER A 110 6.68 19.53 13.83
C SER A 110 6.47 18.74 12.54
N LYS A 111 7.50 18.72 11.71
CA LYS A 111 7.41 18.12 10.40
C LYS A 111 8.64 17.27 10.10
N GLY A 112 8.47 16.35 9.16
CA GLY A 112 9.59 15.57 8.65
C GLY A 112 9.43 15.37 7.16
N GLY A 113 10.42 14.74 6.57
CA GLY A 113 10.37 14.50 5.14
C GLY A 113 11.47 13.54 4.75
N TYR A 114 11.28 12.94 3.57
CA TYR A 114 12.21 11.94 3.10
C TYR A 114 12.22 12.01 1.59
N TYR A 115 13.27 11.43 1.01
CA TYR A 115 13.49 11.51 -0.43
C TYR A 115 14.52 10.44 -0.79
N GLN A 116 14.06 9.32 -1.36
CA GLN A 116 14.84 8.09 -1.41
C GLN A 116 14.64 7.37 -2.73
N TYR A 117 15.69 6.70 -3.18
CA TYR A 117 15.71 5.91 -4.40
C TYR A 117 16.22 4.51 -4.13
N ALA A 118 15.65 3.51 -4.80
CA ALA A 118 16.10 2.13 -4.70
C ALA A 118 16.33 1.52 -6.08
N TYR A 119 17.41 0.75 -6.20
CA TYR A 119 17.67 -0.02 -7.41
C TYR A 119 17.47 -1.50 -7.15
N ASP A 120 16.67 -2.15 -7.97
CA ASP A 120 16.36 -3.57 -7.80
C ASP A 120 15.94 -3.90 -6.37
N GLY A 121 15.17 -3.00 -5.75
CA GLY A 121 14.58 -3.27 -4.44
C GLY A 121 15.50 -3.07 -3.24
N ARG A 122 16.74 -2.63 -3.46
CA ARG A 122 17.72 -2.32 -2.43
C ARG A 122 18.00 -0.82 -2.49
N ASP A 123 18.25 -0.21 -1.32
CA ASP A 123 18.55 1.21 -1.27
C ASP A 123 19.65 1.57 -2.25
N TYR A 124 19.47 2.71 -2.92
CA TYR A 124 20.51 3.21 -3.79
C TYR A 124 21.11 4.51 -3.26
N ILE A 125 20.31 5.58 -3.16
CA ILE A 125 20.76 6.86 -2.64
C ILE A 125 19.56 7.57 -2.01
N SER A 126 19.81 8.35 -0.97
CA SER A 126 18.75 9.13 -0.34
C SER A 126 19.31 10.48 0.11
N LEU A 127 18.45 11.48 0.16
CA LEU A 127 18.87 12.80 0.56
C LEU A 127 18.77 12.91 2.07
N ASP A 128 19.84 13.38 2.70
CA ASP A 128 19.78 13.79 4.10
C ASP A 128 19.50 15.28 4.10
N LYS A 129 18.26 15.62 4.44
CA LYS A 129 17.79 17.00 4.47
C LYS A 129 18.57 17.84 5.48
N ASP A 130 19.04 17.24 6.56
CA ASP A 130 19.61 17.97 7.69
C ASP A 130 21.08 18.32 7.51
N THR A 131 21.81 17.55 6.68
CA THR A 131 23.19 17.89 6.33
C THR A 131 23.32 18.38 4.90
N LEU A 132 22.23 18.33 4.13
CA LEU A 132 22.23 18.60 2.69
C LEU A 132 23.31 17.82 1.96
N THR A 133 23.41 16.53 2.27
CA THR A 133 24.30 15.61 1.57
C THR A 133 23.51 14.35 1.23
N TRP A 134 24.11 13.51 0.38
CA TRP A 134 23.45 12.28 -0.06
C TRP A 134 24.11 11.05 0.54
N MET A 135 23.30 10.08 0.94
CA MET A 135 23.79 8.78 1.44
C MET A 135 23.73 7.75 0.31
N ALA A 136 24.89 7.37 -0.18
CA ALA A 136 25.01 6.29 -1.15
C ALA A 136 25.05 4.95 -0.43
N ALA A 137 24.35 3.96 -0.99
CA ALA A 137 24.29 2.67 -0.32
C ALA A 137 25.47 1.78 -0.64
N ASP A 138 26.19 2.03 -1.73
CA ASP A 138 27.31 1.18 -2.14
C ASP A 138 28.27 2.03 -2.98
N VAL A 139 29.34 1.38 -3.45
CA VAL A 139 30.39 2.13 -4.16
C VAL A 139 29.93 2.56 -5.56
N PRO A 140 29.08 1.82 -6.29
CA PRO A 140 28.52 2.40 -7.52
C PRO A 140 27.71 3.66 -7.28
N ALA A 141 26.86 3.68 -6.25
CA ALA A 141 26.09 4.89 -5.98
C ALA A 141 26.98 6.09 -5.64
N GLN A 142 28.25 5.86 -5.27
CA GLN A 142 29.15 6.97 -5.01
C GLN A 142 29.39 7.83 -6.24
N ASN A 143 29.22 7.25 -7.42
CA ASN A 143 29.17 8.06 -8.63
C ASN A 143 28.05 9.09 -8.54
N THR A 144 26.85 8.67 -8.16
CA THR A 144 25.75 9.62 -8.05
C THR A 144 25.97 10.58 -6.89
N LYS A 145 26.50 10.10 -5.76
CA LYS A 145 26.69 10.97 -4.60
C LYS A 145 27.53 12.18 -4.94
N ARG A 146 28.24 12.08 -6.02
CA ARG A 146 29.20 13.09 -6.40
C ARG A 146 28.67 14.33 -7.05
N LYS A 147 28.03 14.05 -8.17
CA LYS A 147 27.32 15.07 -8.89
C LYS A 147 26.34 15.75 -7.95
N TRP A 148 25.64 14.96 -7.14
CA TRP A 148 24.53 15.51 -6.37
C TRP A 148 24.99 16.24 -5.12
N ASP A 149 26.02 15.73 -4.43
CA ASP A 149 26.57 16.48 -3.30
C ASP A 149 27.00 17.87 -3.72
N ALA A 150 27.54 18.00 -4.93
CA ALA A 150 28.06 19.28 -5.39
C ALA A 150 27.00 20.22 -5.95
N ASP A 151 25.75 19.78 -6.12
CA ASP A 151 24.70 20.63 -6.70
C ASP A 151 23.93 21.33 -5.59
N PHE A 152 24.62 22.30 -4.96
CA PHE A 152 24.11 22.94 -3.75
C PHE A 152 22.72 23.53 -3.97
N ARG A 153 22.53 24.20 -5.11
CA ARG A 153 21.26 24.87 -5.38
C ARG A 153 20.13 23.84 -5.51
N ASP A 154 20.34 22.78 -6.29
CA ASP A 154 19.28 21.79 -6.47
C ASP A 154 18.99 21.08 -5.15
N ASN A 155 20.02 20.82 -4.35
CA ASN A 155 19.78 20.21 -3.05
C ASN A 155 18.92 21.09 -2.17
N GLU A 156 19.04 22.42 -2.31
CA GLU A 156 18.20 23.30 -1.52
C GLU A 156 16.76 23.32 -2.04
N TYR A 157 16.55 23.21 -3.36
CA TYR A 157 15.18 23.08 -3.86
C TYR A 157 14.47 21.90 -3.20
N LYS A 158 15.20 20.80 -2.98
CA LYS A 158 14.59 19.62 -2.40
C LYS A 158 14.26 19.82 -0.93
N LYS A 159 15.18 20.42 -0.17
CA LYS A 159 14.89 20.78 1.21
C LYS A 159 13.68 21.71 1.29
N THR A 160 13.67 22.76 0.47
CA THR A 160 12.51 23.64 0.41
C THR A 160 11.25 22.85 0.08
N TYR A 161 11.31 21.99 -0.93
CA TYR A 161 10.14 21.21 -1.30
C TYR A 161 9.67 20.33 -0.14
N LEU A 162 10.60 19.63 0.51
CA LEU A 162 10.20 18.72 1.56
C LEU A 162 9.71 19.46 2.79
N GLU A 163 10.33 20.59 3.11
CA GLU A 163 10.00 21.28 4.36
C GLU A 163 8.87 22.27 4.22
N GLU A 164 8.63 22.77 3.01
CA GLU A 164 7.64 23.82 2.88
C GLU A 164 6.60 23.51 1.82
N THR A 165 7.02 23.30 0.57
CA THR A 165 6.07 23.13 -0.52
C THR A 165 5.17 21.93 -0.27
N CYS A 166 5.78 20.78 0.07
CA CYS A 166 5.06 19.54 0.36
C CYS A 166 4.09 19.71 1.53
N ILE A 167 4.50 20.40 2.59
CA ILE A 167 3.66 20.62 3.76
C ILE A 167 2.48 21.52 3.41
N GLU A 168 2.73 22.54 2.60
CA GLU A 168 1.65 23.45 2.19
C GLU A 168 0.61 22.75 1.35
N TRP A 169 1.02 21.89 0.42
CA TRP A 169 0.03 21.11 -0.32
C TRP A 169 -0.70 20.14 0.59
N LEU A 170 0.05 19.46 1.46
CA LEU A 170 -0.57 18.54 2.41
C LEU A 170 -1.65 19.24 3.21
N GLN A 171 -1.34 20.44 3.71
CA GLN A 171 -2.35 21.18 4.47
C GLN A 171 -3.53 21.59 3.61
N ARG A 172 -3.30 21.93 2.34
CA ARG A 172 -4.41 22.19 1.44
C ARG A 172 -5.24 20.94 1.22
N TYR A 173 -4.56 19.81 0.99
CA TYR A 173 -5.28 18.58 0.68
C TYR A 173 -6.15 18.15 1.86
N LEU A 174 -5.62 18.26 3.08
CA LEU A 174 -6.36 17.81 4.25
C LEU A 174 -7.66 18.57 4.39
N ASN A 175 -7.65 19.87 4.12
CA ASN A 175 -8.89 20.63 4.17
C ASN A 175 -9.81 20.22 3.02
N TYR A 176 -9.27 20.12 1.81
CA TYR A 176 -10.05 19.69 0.65
C TYR A 176 -10.79 18.40 0.93
N GLY A 177 -10.09 17.40 1.46
CA GLY A 177 -10.65 16.07 1.60
C GLY A 177 -10.99 15.61 3.01
N LYS A 178 -11.17 16.56 3.93
CA LYS A 178 -11.37 16.22 5.33
C LYS A 178 -12.56 15.29 5.55
N GLU A 179 -13.64 15.47 4.78
CA GLU A 179 -14.86 14.69 5.01
C GLU A 179 -14.60 13.20 4.83
N THR A 180 -13.72 12.82 3.91
CA THR A 180 -13.39 11.40 3.79
C THR A 180 -12.03 11.05 4.40
N LEU A 181 -11.07 11.98 4.41
CA LEU A 181 -9.75 11.67 4.96
C LEU A 181 -9.78 11.49 6.48
N LEU A 182 -10.67 12.19 7.17
CA LEU A 182 -10.70 12.19 8.62
C LEU A 182 -11.94 11.50 9.18
N ARG A 183 -12.66 10.75 8.34
CA ARG A 183 -13.81 10.01 8.80
C ARG A 183 -13.37 8.83 9.65
N THR A 184 -14.32 8.24 10.36
CA THR A 184 -14.10 6.96 11.04
C THR A 184 -15.21 6.02 10.62
N GLU A 185 -14.84 4.77 10.35
CA GLU A 185 -15.80 3.71 10.06
C GLU A 185 -15.66 2.61 11.10
N VAL A 186 -16.78 2.16 11.64
CA VAL A 186 -16.78 1.27 12.82
C VAL A 186 -16.36 -0.13 12.40
N PRO A 187 -15.39 -0.75 13.09
CA PRO A 187 -15.09 -2.16 12.83
C PRO A 187 -16.31 -3.05 13.02
N GLU A 188 -16.36 -4.11 12.21
CA GLU A 188 -17.41 -5.11 12.23
C GLU A 188 -16.73 -6.42 12.62
N VAL A 189 -17.01 -6.88 13.85
CA VAL A 189 -16.29 -7.99 14.49
C VAL A 189 -17.18 -9.22 14.53
N LYS A 190 -16.71 -10.33 13.96
N LYS A 190 -16.70 -10.32 13.98
CA LYS A 190 -17.45 -11.57 13.92
CA LYS A 190 -17.45 -11.57 13.94
C LYS A 190 -16.55 -12.71 14.34
C LYS A 190 -16.54 -12.71 14.35
N VAL A 191 -16.98 -13.50 15.32
CA VAL A 191 -16.21 -14.66 15.80
C VAL A 191 -16.83 -15.91 15.22
N THR A 192 -16.03 -16.72 14.55
CA THR A 192 -16.44 -18.05 14.13
C THR A 192 -15.58 -19.12 14.81
N ARG A 193 -15.96 -20.38 14.61
CA ARG A 193 -15.39 -21.54 15.27
C ARG A 193 -15.25 -22.63 14.22
N LYS A 194 -14.08 -23.25 14.10
CA LYS A 194 -13.74 -23.94 12.85
C LYS A 194 -14.00 -25.45 12.87
N GLU A 195 -13.30 -26.23 13.69
CA GLU A 195 -13.40 -27.69 13.55
C GLU A 195 -14.08 -28.31 14.77
N ASP A 196 -15.02 -29.23 14.52
CA ASP A 196 -15.68 -30.03 15.56
C ASP A 196 -14.85 -31.22 16.02
N TYR A 197 -13.87 -31.64 15.21
CA TYR A 197 -13.13 -32.89 15.38
C TYR A 197 -11.62 -32.65 15.30
N GLY A 199 -8.90 -32.67 17.68
CA GLY A 199 -9.94 -32.48 18.69
C GLY A 199 -9.87 -31.16 19.43
N MET A 200 -9.19 -30.20 18.81
CA MET A 200 -9.11 -28.83 19.30
C MET A 200 -9.89 -27.94 18.33
N GLU A 201 -10.23 -26.74 18.79
CA GLU A 201 -10.96 -25.78 17.96
C GLU A 201 -10.10 -24.56 17.71
N THR A 202 -10.22 -23.99 16.52
CA THR A 202 -9.64 -22.68 16.20
C THR A 202 -10.76 -21.65 16.21
N LEU A 203 -10.63 -20.63 17.06
CA LEU A 203 -11.56 -19.52 17.11
C LEU A 203 -11.04 -18.39 16.23
N ILE A 204 -11.82 -18.00 15.22
CA ILE A 204 -11.41 -16.97 14.26
C ILE A 204 -12.15 -15.68 14.55
N CYS A 205 -11.41 -14.57 14.67
CA CYS A 205 -12.01 -13.26 14.83
C CYS A 205 -11.81 -12.46 13.54
N ARG A 206 -12.89 -12.26 12.78
CA ARG A 206 -12.87 -11.44 11.57
C ARG A 206 -13.26 -10.02 11.93
N VAL A 207 -12.43 -9.06 11.53
CA VAL A 207 -12.62 -7.64 11.87
C VAL A 207 -12.47 -6.87 10.57
N GLY A 208 -13.56 -6.27 10.12
CA GLY A 208 -13.57 -5.69 8.79
C GLY A 208 -14.41 -4.44 8.74
N GLY A 209 -14.23 -3.68 7.65
CA GLY A 209 -14.99 -2.46 7.49
C GLY A 209 -14.54 -1.31 8.35
N PHE A 210 -13.28 -1.30 8.80
CA PHE A 210 -12.83 -0.26 9.71
C PHE A 210 -11.93 0.74 8.98
N TYR A 211 -11.95 1.98 9.48
CA TYR A 211 -11.14 3.08 8.97
C TYR A 211 -11.04 4.13 10.07
N PRO A 212 -9.85 4.67 10.33
CA PRO A 212 -8.58 4.42 9.64
C PRO A 212 -7.92 3.06 9.92
N LYS A 213 -6.70 2.90 9.41
CA LYS A 213 -6.03 1.59 9.39
C LYS A 213 -5.62 1.12 10.78
N ASP A 214 -5.33 2.03 11.70
CA ASP A 214 -4.77 1.67 13.00
C ASP A 214 -5.81 0.97 13.87
N ILE A 215 -5.44 -0.18 14.43
CA ILE A 215 -6.38 -1.00 15.19
C ILE A 215 -5.59 -1.91 16.11
N ASP A 216 -6.19 -2.23 17.26
CA ASP A 216 -5.60 -3.14 18.24
C ASP A 216 -6.57 -4.30 18.44
N ILE A 217 -6.17 -5.48 17.98
CA ILE A 217 -6.95 -6.69 18.07
C ILE A 217 -6.13 -7.71 18.84
N ASP A 218 -6.71 -8.25 19.91
CA ASP A 218 -6.05 -9.30 20.68
C ASP A 218 -7.10 -10.29 21.15
N TRP A 219 -6.75 -11.57 21.10
CA TRP A 219 -7.49 -12.58 21.83
C TRP A 219 -7.14 -12.51 23.31
N THR A 220 -8.15 -12.52 24.16
CA THR A 220 -7.94 -12.56 25.59
C THR A 220 -8.34 -13.93 26.15
N ARG A 221 -7.78 -14.24 27.32
CA ARG A 221 -8.05 -15.47 28.04
C ARG A 221 -8.26 -15.06 29.49
N ASP A 222 -9.47 -15.31 30.01
CA ASP A 222 -9.86 -14.76 31.31
C ASP A 222 -9.52 -13.28 31.41
N GLY A 223 -9.71 -12.56 30.30
CA GLY A 223 -9.52 -11.14 30.28
C GLY A 223 -8.13 -10.67 29.93
N GLU A 224 -7.13 -11.55 29.96
CA GLU A 224 -5.73 -11.16 29.74
C GLU A 224 -5.31 -11.40 28.29
N VAL A 225 -4.43 -10.53 27.78
CA VAL A 225 -3.95 -10.69 26.42
C VAL A 225 -3.22 -12.02 26.28
N TRP A 226 -3.49 -12.73 25.20
CA TRP A 226 -3.03 -14.10 25.02
C TRP A 226 -2.44 -14.26 23.63
N LEU A 227 -1.23 -14.81 23.56
CA LEU A 227 -0.51 -14.91 22.30
C LEU A 227 -0.07 -16.34 21.98
N GLN A 228 -0.36 -17.29 22.84
CA GLN A 228 -0.03 -18.67 22.55
C GLN A 228 -0.98 -19.23 21.51
N ASP A 229 -0.42 -19.84 20.46
CA ASP A 229 -1.21 -20.43 19.39
C ASP A 229 -2.13 -19.39 18.74
N VAL A 230 -1.61 -18.16 18.62
CA VAL A 230 -2.35 -17.05 18.06
C VAL A 230 -1.70 -16.63 16.74
N PHE A 231 -2.48 -16.61 15.68
CA PHE A 231 -2.03 -16.16 14.37
C PHE A 231 -2.93 -15.03 13.88
N HIS A 232 -2.45 -14.31 12.88
CA HIS A 232 -3.17 -13.15 12.40
C HIS A 232 -2.94 -13.00 10.92
N GLY A 233 -3.89 -12.35 10.24
CA GLY A 233 -3.78 -12.11 8.82
C GLY A 233 -3.01 -10.85 8.51
N LEU A 234 -3.00 -10.50 7.22
CA LEU A 234 -2.61 -9.18 6.79
C LEU A 234 -3.71 -8.17 7.14
N VAL A 235 -3.30 -6.92 7.35
CA VAL A 235 -4.23 -5.81 7.36
C VAL A 235 -4.36 -5.34 5.91
N SER A 236 -5.50 -5.63 5.29
CA SER A 236 -5.63 -5.54 3.85
C SER A 236 -6.76 -4.60 3.47
N PRO A 237 -6.63 -3.88 2.36
CA PRO A 237 -7.62 -2.87 2.01
C PRO A 237 -8.80 -3.43 1.24
N ASN A 238 -10.00 -3.05 1.68
CA ASN A 238 -11.20 -3.19 0.87
C ASN A 238 -11.23 -2.10 -0.22
N SER A 239 -11.97 -2.40 -1.29
CA SER A 239 -12.09 -1.46 -2.38
C SER A 239 -12.79 -0.17 -1.99
N ASP A 240 -13.59 -0.17 -0.93
CA ASP A 240 -14.23 1.05 -0.47
C ASP A 240 -13.33 1.86 0.48
N GLY A 241 -12.02 1.56 0.51
CA GLY A 241 -11.07 2.27 1.33
C GLY A 241 -11.05 1.86 2.80
N THR A 242 -11.91 0.94 3.20
CA THR A 242 -11.95 0.43 4.56
C THR A 242 -10.94 -0.73 4.67
N TYR A 243 -10.69 -1.25 5.88
CA TYR A 243 -9.70 -2.31 6.03
C TYR A 243 -10.29 -3.60 6.59
N TYR A 244 -9.55 -4.69 6.39
CA TYR A 244 -9.95 -6.02 6.86
C TYR A 244 -8.74 -6.77 7.42
N THR A 245 -8.98 -7.59 8.46
CA THR A 245 -7.98 -8.52 8.96
C THR A 245 -8.67 -9.59 9.81
N TRP A 246 -7.87 -10.56 10.28
CA TRP A 246 -8.36 -11.59 11.18
C TRP A 246 -7.29 -11.98 12.19
N ARG A 247 -7.75 -12.59 13.28
CA ARG A 247 -6.88 -13.11 14.33
C ARG A 247 -7.49 -14.38 14.90
N SER A 248 -6.66 -15.41 15.05
CA SER A 248 -7.09 -16.74 15.44
C SER A 248 -6.35 -17.21 16.69
N VAL A 249 -6.98 -18.16 17.38
CA VAL A 249 -6.39 -18.85 18.53
C VAL A 249 -6.87 -20.29 18.52
N LYS A 250 -5.99 -21.21 18.89
CA LYS A 250 -6.41 -22.60 19.07
C LYS A 250 -6.81 -22.78 20.52
N VAL A 251 -8.07 -23.15 20.74
CA VAL A 251 -8.60 -23.27 22.09
C VAL A 251 -9.01 -24.71 22.32
N ASP A 252 -9.33 -24.96 23.53
CA ASP A 252 -9.25 -26.23 24.18
C ASP A 252 -10.60 -26.92 24.19
N PRO A 253 -10.63 -28.22 24.45
CA PRO A 253 -11.92 -28.88 24.68
C PRO A 253 -12.54 -28.26 25.91
N LYS A 254 -13.84 -27.99 25.83
CA LYS A 254 -14.66 -27.60 26.97
C LYS A 254 -14.31 -26.21 27.50
N GLU A 255 -13.44 -25.46 26.82
CA GLU A 255 -12.91 -24.24 27.43
C GLU A 255 -13.23 -22.99 26.63
N ARG A 256 -14.16 -23.08 25.69
CA ARG A 256 -14.40 -22.01 24.73
C ARG A 256 -14.65 -20.66 25.39
N GLU A 257 -15.43 -20.65 26.49
CA GLU A 257 -15.94 -19.42 27.10
C GLU A 257 -14.88 -18.57 27.77
N ARG A 258 -13.64 -19.05 27.85
CA ARG A 258 -12.58 -18.23 28.42
C ARG A 258 -12.01 -17.23 27.41
N TYR A 259 -12.31 -17.39 26.12
CA TYR A 259 -11.70 -16.61 25.05
C TYR A 259 -12.69 -15.63 24.42
N LYS A 260 -12.24 -14.39 24.29
CA LYS A 260 -12.99 -13.30 23.69
C LYS A 260 -12.06 -12.55 22.75
N CYS A 261 -12.60 -12.04 21.65
CA CYS A 261 -11.81 -11.24 20.73
C CYS A 261 -11.92 -9.77 21.15
N HIS A 262 -10.80 -9.17 21.53
CA HIS A 262 -10.76 -7.81 22.06
C HIS A 262 -10.27 -6.84 20.98
N VAL A 263 -11.02 -5.76 20.75
CA VAL A 263 -10.79 -4.84 19.63
C VAL A 263 -10.86 -3.41 20.12
N GLU A 264 -9.83 -2.62 19.83
CA GLU A 264 -9.81 -1.19 20.15
C GLU A 264 -9.57 -0.39 18.88
N HIS A 265 -10.37 0.66 18.69
CA HIS A 265 -10.33 1.43 17.46
C HIS A 265 -11.00 2.78 17.68
N ASP A 266 -10.60 3.78 16.87
CA ASP A 266 -11.24 5.10 16.95
C ASP A 266 -12.76 5.04 16.74
N GLY A 267 -13.26 4.05 15.99
CA GLY A 267 -14.70 3.95 15.82
C GLY A 267 -15.43 3.45 17.04
N LEU A 268 -14.71 2.90 18.02
CA LEU A 268 -15.32 2.32 19.22
C LEU A 268 -15.04 3.26 20.39
N PRO A 269 -16.02 4.02 20.86
CA PRO A 269 -15.77 4.80 22.09
C PRO A 269 -15.36 3.90 23.25
N ASN A 270 -15.98 2.69 23.39
CA ASN A 270 -15.49 1.66 24.31
C ASN A 270 -14.94 0.47 23.53
N PRO A 271 -13.90 -0.20 24.03
CA PRO A 271 -13.45 -1.42 23.35
C PRO A 271 -14.55 -2.47 23.38
N VAL A 272 -14.55 -3.37 22.38
CA VAL A 272 -15.49 -4.48 22.35
C VAL A 272 -14.75 -5.78 22.65
N ASP A 273 -15.48 -6.72 23.26
CA ASP A 273 -14.98 -8.07 23.55
C ASP A 273 -16.02 -9.05 23.04
N VAL A 274 -15.66 -9.81 22.00
CA VAL A 274 -16.60 -10.68 21.31
C VAL A 274 -16.18 -12.13 21.51
N ALA A 275 -17.12 -12.96 21.97
CA ALA A 275 -16.95 -14.39 22.13
C ALA A 275 -17.71 -15.14 21.05
N TRP A 276 -17.47 -16.44 20.97
CA TRP A 276 -18.21 -17.25 20.00
C TRP A 276 -19.71 -17.32 20.33
N THR B 1 16.57 -10.55 -2.41
CA THR B 1 16.17 -9.47 -3.31
C THR B 1 14.92 -9.82 -4.10
N GLN B 2 14.81 -11.08 -4.52
CA GLN B 2 13.52 -11.62 -4.93
C GLN B 2 12.73 -11.97 -3.69
N LYS B 3 11.46 -11.60 -3.68
CA LYS B 3 10.61 -11.83 -2.53
C LYS B 3 9.25 -12.32 -2.99
N ALA B 4 8.74 -13.31 -2.30
CA ALA B 4 7.50 -13.93 -2.70
C ALA B 4 6.32 -13.15 -2.14
N PRO B 5 5.17 -13.19 -2.82
CA PRO B 5 4.00 -12.47 -2.31
C PRO B 5 3.40 -13.11 -1.07
N SER B 6 3.03 -12.25 -0.10
CA SER B 6 2.07 -12.61 0.94
C SER B 6 0.68 -12.20 0.46
N VAL B 7 -0.25 -13.15 0.48
CA VAL B 7 -1.53 -13.00 -0.22
C VAL B 7 -2.67 -13.25 0.76
N GLN B 8 -3.80 -12.59 0.52
CA GLN B 8 -4.97 -12.71 1.37
C GLN B 8 -6.21 -12.48 0.53
N VAL B 9 -7.24 -13.29 0.76
CA VAL B 9 -8.51 -13.20 0.05
C VAL B 9 -9.62 -12.97 1.06
N TYR B 10 -10.61 -12.16 0.68
CA TYR B 10 -11.67 -11.79 1.62
C TYR B 10 -12.81 -11.12 0.86
N PHE B 11 -13.99 -11.13 1.48
CA PHE B 11 -15.14 -10.33 1.10
C PHE B 11 -15.17 -9.05 1.92
N ARG B 12 -15.85 -8.03 1.38
CA ARG B 12 -16.06 -6.80 2.15
C ARG B 12 -16.94 -7.06 3.37
N HIS B 13 -18.03 -7.82 3.18
CA HIS B 13 -18.87 -8.30 4.27
C HIS B 13 -18.84 -9.82 4.34
N PRO B 14 -19.09 -10.41 5.50
CA PRO B 14 -19.33 -11.85 5.56
C PRO B 14 -20.48 -12.23 4.63
N ALA B 15 -20.29 -13.33 3.90
CA ALA B 15 -21.17 -13.67 2.77
C ALA B 15 -22.63 -13.87 3.22
N GLU B 16 -23.55 -13.66 2.28
CA GLU B 16 -24.96 -13.95 2.44
C GLU B 16 -25.49 -14.30 1.06
N LYS B 17 -26.27 -15.38 0.97
CA LYS B 17 -26.82 -15.76 -0.33
C LYS B 17 -27.70 -14.64 -0.86
N GLY B 18 -27.51 -14.29 -2.14
CA GLY B 18 -28.29 -13.26 -2.78
C GLY B 18 -27.95 -11.82 -2.41
N LYS B 19 -27.05 -11.59 -1.46
CA LYS B 19 -26.69 -10.25 -0.99
C LYS B 19 -25.34 -9.86 -1.59
N GLU B 20 -25.29 -8.72 -2.26
CA GLU B 20 -24.11 -8.42 -3.07
C GLU B 20 -22.93 -8.02 -2.19
N ASN B 21 -21.75 -8.44 -2.64
CA ASN B 21 -20.53 -8.35 -1.89
C ASN B 21 -19.40 -7.94 -2.82
N THR B 22 -18.22 -7.73 -2.28
CA THR B 22 -17.02 -7.53 -3.08
C THR B 22 -15.98 -8.54 -2.66
N PHE B 23 -15.45 -9.26 -3.63
CA PHE B 23 -14.41 -10.24 -3.41
C PHE B 23 -13.07 -9.58 -3.71
N HIS B 24 -12.11 -9.71 -2.79
CA HIS B 24 -10.80 -9.10 -2.92
C HIS B 24 -9.70 -10.14 -2.89
N CYS B 25 -8.65 -9.91 -3.66
CA CYS B 25 -7.39 -10.62 -3.51
C CYS B 25 -6.27 -9.60 -3.42
N TYR B 26 -5.44 -9.72 -2.37
CA TYR B 26 -4.46 -8.70 -2.03
C TYR B 26 -3.10 -9.36 -1.84
N ALA B 27 -2.10 -8.82 -2.53
CA ALA B 27 -0.74 -9.31 -2.48
C ALA B 27 0.18 -8.19 -2.03
N GLU B 28 1.16 -8.53 -1.21
CA GLU B 28 2.08 -7.54 -0.70
C GLU B 28 3.41 -8.22 -0.42
N SER B 29 4.43 -7.41 -0.16
CA SER B 29 5.73 -7.86 0.29
C SER B 29 6.52 -8.60 -0.79
N PHE B 30 6.22 -8.40 -2.07
CA PHE B 30 6.90 -9.11 -3.15
C PHE B 30 7.79 -8.18 -3.96
N HIS B 31 8.66 -8.80 -4.74
CA HIS B 31 9.59 -8.10 -5.60
C HIS B 31 10.16 -9.09 -6.62
N PRO B 32 10.33 -8.70 -7.90
CA PRO B 32 9.99 -7.47 -8.63
C PRO B 32 8.46 -7.28 -8.74
N PRO B 33 8.00 -6.16 -9.30
CA PRO B 33 6.56 -5.85 -9.23
C PRO B 33 5.69 -6.62 -10.21
N LYS B 34 6.26 -7.23 -11.24
CA LYS B 34 5.45 -8.01 -12.17
C LYS B 34 4.76 -9.15 -11.44
N ILE B 35 3.43 -9.14 -11.48
CA ILE B 35 2.64 -10.15 -10.80
C ILE B 35 1.29 -10.25 -11.51
N ASN B 36 0.77 -11.47 -11.59
CA ASN B 36 -0.53 -11.69 -12.20
C ASN B 36 -1.46 -12.31 -11.17
N ILE B 37 -2.62 -11.68 -10.98
CA ILE B 37 -3.58 -12.03 -9.95
C ILE B 37 -4.93 -12.18 -10.62
N THR B 38 -5.50 -13.38 -10.56
CA THR B 38 -6.74 -13.70 -11.24
C THR B 38 -7.77 -14.17 -10.23
N LEU B 39 -8.92 -13.48 -10.20
CA LEU B 39 -10.04 -13.89 -9.37
C LEU B 39 -10.77 -15.04 -10.02
N LEU B 40 -11.01 -16.10 -9.25
CA LEU B 40 -11.68 -17.29 -9.76
C LEU B 40 -12.97 -17.53 -9.00
N LYS B 41 -14.02 -17.86 -9.75
CA LYS B 41 -15.28 -18.38 -9.23
C LYS B 41 -15.44 -19.78 -9.81
N ASN B 42 -15.37 -20.79 -8.94
CA ASN B 42 -15.44 -22.19 -9.35
C ASN B 42 -14.41 -22.48 -10.44
N GLY B 43 -13.21 -21.91 -10.27
CA GLY B 43 -12.11 -22.14 -11.21
C GLY B 43 -12.14 -21.33 -12.49
N ILE B 44 -13.22 -20.63 -12.79
CA ILE B 44 -13.34 -19.82 -14.01
C ILE B 44 -13.03 -18.36 -13.68
N PRO B 45 -12.15 -17.69 -14.42
CA PRO B 45 -11.87 -16.27 -14.16
C PRO B 45 -13.15 -15.43 -14.13
N MET B 46 -13.26 -14.57 -13.12
CA MET B 46 -14.42 -13.69 -13.00
C MET B 46 -14.36 -12.59 -14.05
N GLU B 47 -15.53 -12.04 -14.38
CA GLU B 47 -15.53 -10.88 -15.27
C GLU B 47 -15.60 -9.61 -14.41
N ASN B 48 -15.45 -8.45 -15.05
CA ASN B 48 -15.70 -7.17 -14.40
C ASN B 48 -14.78 -6.94 -13.20
N VAL B 49 -13.55 -7.22 -13.41
CA VAL B 49 -12.54 -7.22 -12.37
C VAL B 49 -11.83 -5.88 -12.36
N GLN B 50 -11.50 -5.38 -11.17
CA GLN B 50 -10.78 -4.14 -11.01
C GLN B 50 -9.47 -4.38 -10.29
N GLN B 51 -8.48 -3.51 -10.53
CA GLN B 51 -7.19 -3.59 -9.85
C GLN B 51 -6.63 -2.20 -9.54
N SER B 52 -6.14 -2.05 -8.32
CA SER B 52 -5.55 -0.80 -7.87
C SER B 52 -4.24 -0.52 -8.58
N ASP B 53 -3.80 0.73 -8.49
CA ASP B 53 -2.48 1.07 -9.01
C ASP B 53 -1.39 0.44 -8.14
N LEU B 54 -0.17 0.49 -8.66
CA LEU B 54 0.96 -0.20 -8.04
C LEU B 54 1.70 0.74 -7.09
N SER B 55 1.69 0.41 -5.81
CA SER B 55 2.45 1.16 -4.82
C SER B 55 3.36 0.20 -4.05
N PHE B 56 4.18 0.77 -3.17
CA PHE B 56 5.11 -0.03 -2.37
C PHE B 56 5.24 0.59 -0.99
N LYS B 57 5.90 -0.13 -0.10
CA LYS B 57 6.12 0.27 1.28
C LYS B 57 7.52 0.82 1.43
N LYS B 58 7.81 1.28 2.66
CA LYS B 58 9.11 1.86 2.97
C LYS B 58 10.22 0.84 2.87
N ASP B 59 9.91 -0.44 2.82
CA ASP B 59 10.91 -1.49 2.60
C ASP B 59 11.05 -1.84 1.11
N TRP B 60 10.35 -1.11 0.25
CA TRP B 60 10.41 -1.12 -1.20
C TRP B 60 9.55 -2.22 -1.82
N THR B 61 8.95 -3.11 -1.01
CA THR B 61 8.18 -4.20 -1.56
C THR B 61 6.80 -3.71 -1.98
N PHE B 62 6.29 -4.33 -3.03
CA PHE B 62 5.12 -3.88 -3.77
C PHE B 62 3.81 -4.40 -3.19
N GLU B 63 2.71 -3.71 -3.53
CA GLU B 63 1.36 -4.08 -3.12
C GLU B 63 0.43 -3.94 -4.32
N ARG B 64 -0.60 -4.80 -4.35
CA ARG B 64 -1.56 -4.82 -5.44
C ARG B 64 -2.87 -5.42 -4.94
N LEU B 65 -3.97 -4.72 -5.22
CA LEU B 65 -5.30 -5.15 -4.84
C LEU B 65 -6.12 -5.43 -6.10
N VAL B 66 -6.87 -6.53 -6.08
CA VAL B 66 -7.66 -7.00 -7.21
C VAL B 66 -9.03 -7.39 -6.66
N TYR B 67 -10.09 -6.90 -7.29
CA TYR B 67 -11.40 -7.14 -6.72
C TYR B 67 -12.48 -7.10 -7.79
N ALA B 68 -13.66 -7.59 -7.41
CA ALA B 68 -14.81 -7.68 -8.31
C ALA B 68 -16.06 -7.83 -7.47
N LYS B 69 -17.14 -7.20 -7.95
CA LYS B 69 -18.43 -7.37 -7.31
C LYS B 69 -18.96 -8.76 -7.62
N VAL B 70 -19.73 -9.31 -6.69
CA VAL B 70 -20.23 -10.68 -6.81
C VAL B 70 -21.40 -10.84 -5.85
N ILE B 71 -22.26 -11.81 -6.14
CA ILE B 71 -23.42 -12.12 -5.32
C ILE B 71 -23.26 -13.55 -4.81
N PRO B 72 -22.92 -13.75 -3.55
CA PRO B 72 -22.71 -15.11 -3.04
C PRO B 72 -23.97 -15.97 -3.07
N ASP B 73 -23.73 -17.28 -3.12
CA ASP B 73 -24.71 -18.33 -2.78
C ASP B 73 -23.91 -19.53 -2.27
N GLY B 74 -24.62 -20.48 -1.66
CA GLY B 74 -23.95 -21.63 -1.06
C GLY B 74 -23.14 -22.45 -2.05
N ALA B 76 -21.13 -22.07 -4.35
CA ALA B 76 -20.21 -21.48 -5.31
C ALA B 76 -18.94 -20.99 -4.62
N GLU B 77 -17.77 -21.35 -5.17
CA GLU B 77 -16.49 -21.19 -4.50
C GLU B 77 -15.65 -20.06 -5.11
N PHE B 78 -14.97 -19.29 -4.26
CA PHE B 78 -14.18 -18.15 -4.68
C PHE B 78 -12.71 -18.35 -4.32
N ALA B 79 -11.83 -17.99 -5.24
CA ALA B 79 -10.40 -18.19 -5.02
C ALA B 79 -9.61 -17.20 -5.86
N CYS B 80 -8.30 -17.22 -5.66
CA CYS B 80 -7.41 -16.25 -6.28
C CYS B 80 -6.16 -16.97 -6.74
N LYS B 81 -5.79 -16.78 -8.00
CA LYS B 81 -4.61 -17.40 -8.58
C LYS B 81 -3.53 -16.34 -8.73
N VAL B 82 -2.41 -16.52 -8.02
CA VAL B 82 -1.28 -15.60 -8.03
C VAL B 82 -0.11 -16.25 -8.75
N GLU B 83 0.42 -15.58 -9.76
CA GLU B 83 1.63 -16.01 -10.46
C GLU B 83 2.72 -14.96 -10.26
N HIS B 84 3.93 -15.42 -9.96
CA HIS B 84 5.04 -14.52 -9.68
C HIS B 84 6.36 -15.25 -9.88
N ILE B 85 7.41 -14.47 -10.18
CA ILE B 85 8.73 -15.01 -10.49
C ILE B 85 9.26 -15.92 -9.38
N THR B 86 8.85 -15.68 -8.13
CA THR B 86 9.28 -16.51 -7.01
C THR B 86 8.43 -17.76 -6.85
N LEU B 87 7.33 -17.88 -7.60
CA LEU B 87 6.41 -19.01 -7.45
C LEU B 87 6.56 -19.95 -8.64
N PRO B 88 7.25 -21.08 -8.49
CA PRO B 88 7.48 -21.96 -9.65
C PRO B 88 6.19 -22.45 -10.29
N GLN B 89 5.17 -22.77 -9.49
CA GLN B 89 3.84 -23.06 -9.99
C GLN B 89 2.88 -21.95 -9.58
N PRO B 90 1.79 -21.72 -10.30
CA PRO B 90 0.78 -20.77 -9.80
C PRO B 90 0.17 -21.26 -8.49
N MET B 91 -0.06 -20.33 -7.58
CA MET B 91 -0.59 -20.64 -6.26
C MET B 91 -2.02 -20.14 -6.12
N ILE B 92 -2.92 -21.03 -5.72
CA ILE B 92 -4.33 -20.70 -5.57
C ILE B 92 -4.62 -20.51 -4.09
N TYR B 93 -5.31 -19.43 -3.76
CA TYR B 93 -5.71 -19.09 -2.41
C TYR B 93 -7.23 -19.15 -2.38
N LYS B 94 -7.76 -20.13 -1.66
CA LYS B 94 -9.20 -20.33 -1.57
C LYS B 94 -9.76 -19.51 -0.41
N LEU B 95 -10.96 -19.00 -0.61
CA LEU B 95 -11.64 -18.24 0.42
C LEU B 95 -12.62 -19.16 1.15
N ASP B 96 -12.55 -19.19 2.47
CA ASP B 96 -13.51 -20.03 3.18
C ASP B 96 -14.41 -19.17 4.06
N GLN B 97 -15.61 -19.71 4.31
CA GLN B 97 -16.72 -19.17 5.11
C GLN B 97 -17.77 -18.48 4.22
N HIS C 1 1.20 17.73 -4.78
CA HIS C 1 1.89 18.19 -6.00
C HIS C 1 3.26 17.52 -6.16
N VAL C 2 3.58 17.02 -7.36
CA VAL C 2 4.85 16.33 -7.56
C VAL C 2 6.00 17.32 -7.57
N TYR C 3 7.20 16.82 -7.31
CA TYR C 3 8.45 17.57 -7.40
C TYR C 3 8.74 17.98 -8.83
N GLY C 4 9.56 19.02 -9.00
CA GLY C 4 9.92 19.52 -10.31
C GLY C 4 10.92 18.65 -11.04
N PRO C 5 11.68 19.24 -11.95
CA PRO C 5 12.55 18.44 -12.84
C PRO C 5 13.76 17.86 -12.11
N LEU C 6 14.23 16.71 -12.60
CA LEU C 6 15.33 15.97 -11.99
C LEU C 6 16.60 16.07 -12.82
N LYS C 7 17.73 15.71 -12.19
CA LYS C 7 19.07 15.76 -12.74
C LYS C 7 19.55 14.36 -13.12
N PRO C 8 20.51 14.25 -14.04
CA PRO C 8 21.02 12.93 -14.39
C PRO C 8 21.68 12.25 -13.20
N ILE C 9 21.47 10.93 -13.10
CA ILE C 9 22.06 10.09 -12.06
C ILE C 9 23.54 9.77 -12.31
#